data_4YW6
#
_entry.id   4YW6
#
_cell.length_a   40.870
_cell.length_b   72.980
_cell.length_c   79.020
_cell.angle_alpha   117.520
_cell.angle_beta   104.990
_cell.angle_gamma   90.000
#
_symmetry.space_group_name_H-M   'P 1'
#
loop_
_entity.id
_entity.type
_entity.pdbx_description
1 polymer 'PA-I galactophilic lectin'
2 non-polymer 'CALCIUM ION'
3 non-polymer N-[(2S)-6-amino-1-oxo-1-(pyrrolidin-1-yl)hexan-2-yl]-4-(beta-D-galactopyranosyloxy)benzamide
4 water water
#
_entity_poly.entity_id   1
_entity_poly.type   'polypeptide(L)'
_entity_poly.pdbx_seq_one_letter_code
;AWKGEVLANNEAGQVTSIIYNPGDVITIVAAGWASYGPTQKWGPQGDREHPDQGLICHDAFCGALVMKIGNSGTIPVNTG
LFRWVAPNNVQGAITLIYNDVPGTYGNNSGSFSVNIGKDQS
;
_entity_poly.pdbx_strand_id   A,B,C,D
#
loop_
_chem_comp.id
_chem_comp.type
_chem_comp.name
_chem_comp.formula
CA non-polymer 'CALCIUM ION' 'Ca 2'
G0P non-polymer N-[(2S)-6-amino-1-oxo-1-(pyrrolidin-1-yl)hexan-2-yl]-4-(beta-D-galactopyranosyloxy)benzamide 'C23 H35 N3 O8'
#
# COMPACT_ATOMS: atom_id res chain seq x y z
N ALA A 1 -3.89 -11.08 2.87
CA ALA A 1 -5.25 -10.76 2.38
C ALA A 1 -6.08 -12.03 2.40
N TRP A 2 -7.40 -11.85 2.41
CA TRP A 2 -8.31 -12.97 2.48
C TRP A 2 -9.40 -12.77 1.43
N LYS A 3 -9.79 -13.85 0.78
CA LYS A 3 -10.94 -13.85 -0.10
C LYS A 3 -11.76 -15.07 0.23
N GLY A 4 -13.08 -14.90 0.33
CA GLY A 4 -13.94 -16.03 0.62
C GLY A 4 -15.41 -15.68 0.55
N GLU A 5 -16.23 -16.71 0.68
CA GLU A 5 -17.69 -16.59 0.66
C GLU A 5 -18.27 -16.54 2.06
N VAL A 6 -19.28 -15.69 2.22
CA VAL A 6 -20.03 -15.60 3.46
C VAL A 6 -21.46 -16.03 3.17
N LEU A 7 -21.85 -17.20 3.65
CA LEU A 7 -23.21 -17.70 3.42
C LEU A 7 -24.25 -16.97 4.26
N ALA A 8 -25.35 -16.62 3.62
CA ALA A 8 -26.46 -15.92 4.29
C ALA A 8 -27.06 -16.75 5.42
N ASN A 9 -26.98 -18.08 5.34
CA ASN A 9 -27.58 -18.92 6.39
C ASN A 9 -26.59 -19.27 7.50
N ASN A 10 -25.40 -18.70 7.49
CA ASN A 10 -24.38 -19.04 8.47
C ASN A 10 -24.51 -18.17 9.68
N GLU A 11 -25.27 -18.61 10.67
CA GLU A 11 -25.55 -17.79 11.84
C GLU A 11 -24.29 -17.46 12.62
N ALA A 12 -23.38 -18.41 12.70
CA ALA A 12 -22.15 -18.23 13.47
C ALA A 12 -21.16 -17.27 12.83
N GLY A 13 -21.31 -17.07 11.52
CA GLY A 13 -20.41 -16.19 10.79
C GLY A 13 -19.29 -16.95 10.12
N GLN A 14 -18.70 -16.28 9.15
CA GLN A 14 -17.54 -16.79 8.44
C GLN A 14 -16.26 -16.20 9.04
N VAL A 15 -15.45 -17.05 9.67
CA VAL A 15 -14.15 -16.62 10.15
C VAL A 15 -13.20 -16.40 8.98
N THR A 16 -12.43 -15.34 9.09
CA THR A 16 -11.44 -15.00 8.08
C THR A 16 -10.04 -15.25 8.62
N SER A 17 -9.04 -15.14 7.73
CA SER A 17 -7.64 -15.21 8.15
C SER A 17 -7.08 -13.88 8.64
N ILE A 18 -7.90 -12.85 8.64
CA ILE A 18 -7.47 -11.53 9.07
C ILE A 18 -7.60 -11.33 10.58
N ILE A 19 -6.48 -10.99 11.20
CA ILE A 19 -6.47 -10.55 12.57
C ILE A 19 -6.24 -9.05 12.57
N TYR A 20 -7.24 -8.28 12.97
CA TYR A 20 -7.09 -6.84 13.03
C TYR A 20 -6.27 -6.45 14.26
N ASN A 21 -5.15 -5.77 14.06
CA ASN A 21 -4.30 -5.32 15.17
C ASN A 21 -4.34 -3.81 15.32
N PRO A 22 -4.06 -3.29 16.52
CA PRO A 22 -4.06 -1.83 16.70
C PRO A 22 -3.20 -1.11 15.66
N GLY A 23 -3.78 -0.09 15.06
CA GLY A 23 -3.13 0.69 14.04
C GLY A 23 -3.40 0.20 12.62
N ASP A 24 -3.92 -1.01 12.46
CA ASP A 24 -4.14 -1.52 11.12
C ASP A 24 -5.10 -0.65 10.32
N VAL A 25 -4.85 -0.57 9.01
CA VAL A 25 -5.80 0.03 8.06
C VAL A 25 -6.24 -1.10 7.14
N ILE A 26 -7.55 -1.25 6.95
CA ILE A 26 -8.04 -2.32 6.11
C ILE A 26 -9.01 -1.83 5.05
N THR A 27 -9.07 -2.59 3.97
CA THR A 27 -10.07 -2.39 2.93
C THR A 27 -10.84 -3.69 2.71
N ILE A 28 -12.17 -3.55 2.60
CA ILE A 28 -13.05 -4.67 2.34
C ILE A 28 -13.90 -4.31 1.14
N VAL A 29 -14.06 -5.24 0.22
CA VAL A 29 -15.02 -5.11 -0.89
C VAL A 29 -15.89 -6.38 -0.88
N ALA A 30 -17.21 -6.18 -0.87
CA ALA A 30 -18.17 -7.28 -0.83
C ALA A 30 -19.11 -7.24 -2.03
N ALA A 31 -19.43 -8.39 -2.60
CA ALA A 31 -20.30 -8.45 -3.75
C ALA A 31 -21.23 -9.64 -3.65
N GLY A 32 -22.31 -9.62 -4.40
CA GLY A 32 -23.15 -10.79 -4.55
C GLY A 32 -24.59 -10.55 -4.10
N TRP A 33 -25.32 -11.65 -4.00
CA TRP A 33 -26.77 -11.60 -3.81
C TRP A 33 -27.21 -12.62 -2.78
N ALA A 34 -28.05 -12.18 -1.85
CA ALA A 34 -28.50 -13.06 -0.77
C ALA A 34 -29.89 -12.67 -0.31
N SER A 35 -30.52 -13.60 0.39
CA SER A 35 -31.84 -13.34 0.96
C SER A 35 -31.95 -13.81 2.38
N TYR A 36 -32.78 -13.08 3.15
CA TYR A 36 -33.10 -13.45 4.53
C TYR A 36 -34.38 -14.27 4.60
N GLY A 37 -34.94 -14.65 3.46
CA GLY A 37 -36.14 -15.50 3.46
C GLY A 37 -36.93 -15.42 2.16
N PRO A 38 -37.25 -14.20 1.72
CA PRO A 38 -38.05 -14.02 0.50
C PRO A 38 -37.37 -14.58 -0.75
N THR A 39 -38.15 -14.78 -1.80
CA THR A 39 -37.60 -15.25 -3.07
C THR A 39 -36.63 -14.23 -3.70
N GLN A 40 -36.93 -12.94 -3.54
CA GLN A 40 -36.04 -11.87 -3.98
C GLN A 40 -34.66 -11.97 -3.30
N LYS A 41 -33.64 -11.40 -3.93
CA LYS A 41 -32.33 -11.27 -3.29
C LYS A 41 -31.89 -9.82 -3.28
N TRP A 42 -31.04 -9.50 -2.32
CA TRP A 42 -30.48 -8.16 -2.13
C TRP A 42 -28.95 -8.23 -2.10
N GLY A 43 -28.31 -7.09 -2.39
CA GLY A 43 -26.85 -6.97 -2.28
C GLY A 43 -26.40 -6.76 -0.84
N PRO A 44 -25.11 -6.46 -0.65
CA PRO A 44 -24.51 -6.39 0.67
C PRO A 44 -25.00 -5.22 1.55
N GLN A 45 -25.78 -4.29 1.00
CA GLN A 45 -26.42 -3.28 1.85
C GLN A 45 -27.78 -3.77 2.39
N GLY A 46 -28.25 -4.92 1.91
CA GLY A 46 -29.49 -5.48 2.41
C GLY A 46 -30.71 -4.80 1.84
N ASP A 47 -31.79 -4.94 2.61
CA ASP A 47 -33.11 -4.50 2.17
C ASP A 47 -33.54 -3.26 2.93
N ARG A 48 -33.49 -2.10 2.25
CA ARG A 48 -33.76 -0.80 2.87
C ARG A 48 -35.22 -0.63 3.30
N GLU A 49 -36.09 -1.51 2.81
CA GLU A 49 -37.55 -1.42 3.06
C GLU A 49 -38.02 -2.30 4.22
N HIS A 50 -37.12 -3.11 4.79
CA HIS A 50 -37.52 -4.10 5.77
C HIS A 50 -37.34 -3.61 7.20
N PRO A 51 -38.36 -3.77 8.06
CA PRO A 51 -38.19 -3.34 9.45
C PRO A 51 -37.19 -4.21 10.21
N ASP A 52 -36.44 -3.58 11.11
CA ASP A 52 -35.56 -4.26 12.07
C ASP A 52 -36.42 -4.95 13.12
N GLN A 53 -36.37 -6.28 13.16
CA GLN A 53 -37.17 -7.08 14.10
C GLN A 53 -36.28 -7.82 15.09
N GLY A 54 -35.11 -7.25 15.35
CA GLY A 54 -34.15 -7.84 16.26
C GLY A 54 -32.87 -8.29 15.59
N LEU A 55 -32.38 -7.46 14.67
CA LEU A 55 -31.19 -7.81 13.89
C LEU A 55 -29.95 -7.87 14.77
N ILE A 56 -28.96 -8.66 14.35
CA ILE A 56 -27.71 -8.68 15.11
C ILE A 56 -26.93 -7.38 15.00
N CYS A 57 -27.23 -6.59 13.98
CA CYS A 57 -26.67 -5.25 13.88
C CYS A 57 -27.77 -4.25 13.57
N HIS A 58 -28.02 -3.33 14.51
CA HIS A 58 -29.13 -2.40 14.34
C HIS A 58 -28.73 -1.20 13.50
N ASP A 59 -27.45 -1.13 13.15
CA ASP A 59 -26.91 -0.03 12.36
C ASP A 59 -26.78 -0.37 10.89
N ALA A 60 -27.40 -1.48 10.47
CA ALA A 60 -27.42 -1.89 9.05
C ALA A 60 -28.74 -2.56 8.76
N PHE A 61 -29.14 -2.56 7.51
CA PHE A 61 -30.39 -3.21 7.12
C PHE A 61 -30.34 -4.73 7.22
N CYS A 62 -31.53 -5.34 7.34
CA CYS A 62 -31.64 -6.78 7.23
C CYS A 62 -31.08 -7.20 5.87
N GLY A 63 -30.22 -8.21 5.89
CA GLY A 63 -29.58 -8.70 4.67
C GLY A 63 -28.25 -8.02 4.34
N ALA A 64 -27.79 -7.09 5.18
CA ALA A 64 -26.51 -6.44 4.95
C ALA A 64 -25.38 -7.33 5.47
N LEU A 65 -24.19 -7.12 4.92
CA LEU A 65 -23.00 -7.74 5.48
C LEU A 65 -22.51 -6.91 6.68
N VAL A 66 -22.20 -7.60 7.78
CA VAL A 66 -21.63 -6.94 8.96
C VAL A 66 -20.44 -7.77 9.44
N MET A 67 -19.75 -7.28 10.45
CA MET A 67 -18.61 -8.04 10.95
C MET A 67 -18.47 -7.91 12.45
N LYS A 68 -17.69 -8.81 13.02
CA LYS A 68 -17.20 -8.65 14.38
C LYS A 68 -15.69 -8.72 14.35
N ILE A 69 -15.04 -7.93 15.19
CA ILE A 69 -13.59 -7.98 15.28
C ILE A 69 -13.27 -8.39 16.71
N GLY A 70 -12.70 -9.58 16.86
CA GLY A 70 -12.55 -10.19 18.19
C GLY A 70 -13.90 -10.26 18.89
N ASN A 71 -13.94 -9.73 20.11
CA ASN A 71 -15.17 -9.76 20.88
C ASN A 71 -15.95 -8.46 20.79
N SER A 72 -15.78 -7.74 19.68
CA SER A 72 -16.58 -6.53 19.49
C SER A 72 -18.04 -6.85 19.26
N GLY A 73 -18.82 -5.80 19.37
CA GLY A 73 -20.15 -5.79 18.81
C GLY A 73 -20.11 -5.78 17.29
N THR A 74 -21.28 -5.89 16.68
CA THR A 74 -21.33 -5.93 15.22
C THR A 74 -21.06 -4.54 14.64
N ILE A 75 -20.32 -4.51 13.53
CA ILE A 75 -19.97 -3.29 12.84
C ILE A 75 -20.43 -3.46 11.38
N PRO A 76 -21.18 -2.48 10.84
CA PRO A 76 -21.59 -2.58 9.44
C PRO A 76 -20.41 -2.64 8.46
N VAL A 77 -20.53 -3.50 7.48
CA VAL A 77 -19.59 -3.56 6.36
C VAL A 77 -20.30 -3.09 5.08
N ASN A 78 -21.50 -3.58 4.83
CA ASN A 78 -22.26 -3.25 3.63
C ASN A 78 -21.42 -3.61 2.40
N THR A 79 -21.29 -2.69 1.44
CA THR A 79 -20.48 -2.99 0.23
C THR A 79 -18.98 -3.04 0.49
N GLY A 80 -18.56 -2.48 1.61
CA GLY A 80 -17.13 -2.49 1.94
C GLY A 80 -16.71 -1.29 2.74
N LEU A 81 -15.41 -1.29 3.04
CA LEU A 81 -14.83 -0.26 3.88
C LEU A 81 -13.52 0.11 3.19
N PHE A 82 -13.31 1.41 3.01
CA PHE A 82 -12.14 1.93 2.29
C PHE A 82 -11.13 2.53 3.24
N ARG A 83 -9.95 1.92 3.33
CA ARG A 83 -8.83 2.44 4.18
C ARG A 83 -9.33 2.80 5.58
N TRP A 84 -9.93 1.79 6.20
CA TRP A 84 -10.69 1.93 7.43
C TRP A 84 -9.88 1.53 8.65
N VAL A 85 -10.03 2.30 9.71
CA VAL A 85 -9.39 2.04 11.00
C VAL A 85 -10.47 1.76 12.03
N ALA A 86 -10.24 0.75 12.88
CA ALA A 86 -11.21 0.38 13.92
C ALA A 86 -11.26 1.43 15.04
N PRO A 87 -12.36 1.42 15.82
CA PRO A 87 -12.41 2.24 17.03
C PRO A 87 -11.37 1.76 18.04
N ASN A 88 -11.06 2.59 19.04
CA ASN A 88 -10.06 2.23 20.04
C ASN A 88 -10.39 0.93 20.75
N ASN A 89 -9.36 0.15 21.04
CA ASN A 89 -9.50 -1.11 21.78
C ASN A 89 -10.22 -2.22 21.03
N VAL A 90 -10.48 -2.00 19.75
CA VAL A 90 -11.09 -3.05 18.93
C VAL A 90 -9.99 -3.81 18.21
N GLN A 91 -9.89 -5.11 18.45
CA GLN A 91 -8.86 -5.93 17.81
C GLN A 91 -9.18 -7.40 17.86
N GLY A 92 -8.53 -8.17 16.99
CA GLY A 92 -8.76 -9.60 16.94
C GLY A 92 -9.22 -10.11 15.59
N ALA A 93 -9.55 -11.40 15.54
CA ALA A 93 -9.98 -12.02 14.29
C ALA A 93 -11.24 -11.37 13.72
N ILE A 94 -11.27 -11.19 12.40
CA ILE A 94 -12.46 -10.64 11.76
C ILE A 94 -13.36 -11.78 11.36
N THR A 95 -14.62 -11.74 11.81
CA THR A 95 -15.63 -12.69 11.39
C THR A 95 -16.71 -11.90 10.64
N LEU A 96 -17.05 -12.38 9.46
CA LEU A 96 -18.09 -11.75 8.62
C LEU A 96 -19.42 -12.44 8.82
N ILE A 97 -20.51 -11.67 8.89
CA ILE A 97 -21.81 -12.25 9.22
C ILE A 97 -22.91 -11.57 8.43
N TYR A 98 -23.87 -12.36 7.96
CA TYR A 98 -25.05 -11.83 7.32
C TYR A 98 -25.98 -11.28 8.41
N ASN A 99 -26.56 -10.10 8.18
CA ASN A 99 -27.37 -9.47 9.21
C ASN A 99 -28.81 -10.02 9.16
N ASP A 100 -29.19 -10.83 10.15
CA ASP A 100 -30.59 -11.30 10.27
C ASP A 100 -30.89 -11.37 11.77
N VAL A 101 -32.13 -11.75 12.10
CA VAL A 101 -32.55 -11.95 13.48
C VAL A 101 -32.07 -13.32 13.98
N PRO A 102 -31.46 -13.36 15.18
CA PRO A 102 -31.04 -14.66 15.74
C PRO A 102 -32.17 -15.68 15.73
N GLY A 103 -31.84 -16.90 15.30
CA GLY A 103 -32.79 -17.98 15.23
C GLY A 103 -33.57 -18.02 13.93
N THR A 104 -33.34 -17.06 13.03
CA THR A 104 -34.11 -17.00 11.78
C THR A 104 -33.24 -17.22 10.53
N TYR A 105 -32.04 -17.77 10.71
CA TYR A 105 -31.13 -17.94 9.57
C TYR A 105 -31.43 -19.13 8.68
N GLY A 106 -32.27 -20.07 9.15
CA GLY A 106 -32.44 -21.30 8.40
C GLY A 106 -33.06 -21.20 7.02
N ASN A 107 -33.84 -20.16 6.79
CA ASN A 107 -34.49 -19.97 5.50
C ASN A 107 -33.72 -19.00 4.60
N ASN A 108 -32.47 -18.69 4.97
CA ASN A 108 -31.69 -17.75 4.18
C ASN A 108 -31.06 -18.44 3.00
N SER A 109 -30.66 -17.66 1.99
CA SER A 109 -30.04 -18.25 0.83
C SER A 109 -29.10 -17.25 0.19
N GLY A 110 -28.22 -17.77 -0.66
CA GLY A 110 -27.22 -16.93 -1.29
C GLY A 110 -26.02 -16.68 -0.39
N SER A 111 -25.19 -15.75 -0.84
CA SER A 111 -23.90 -15.54 -0.21
C SER A 111 -23.27 -14.29 -0.78
N PHE A 112 -22.33 -13.74 -0.03
CA PHE A 112 -21.49 -12.66 -0.55
C PHE A 112 -20.04 -13.12 -0.73
N SER A 113 -19.41 -12.63 -1.78
CA SER A 113 -18.00 -12.88 -2.05
C SER A 113 -17.26 -11.66 -1.51
N VAL A 114 -16.28 -11.88 -0.65
CA VAL A 114 -15.67 -10.76 0.03
C VAL A 114 -14.16 -10.84 -0.04
N ASN A 115 -13.52 -9.71 -0.35
CA ASN A 115 -12.07 -9.56 -0.24
C ASN A 115 -11.75 -8.65 0.93
N ILE A 116 -10.72 -9.00 1.72
CA ILE A 116 -10.22 -8.13 2.75
C ILE A 116 -8.70 -8.05 2.62
N GLY A 117 -8.15 -6.83 2.71
CA GLY A 117 -6.71 -6.68 2.70
C GLY A 117 -6.28 -5.64 3.69
N LYS A 118 -5.02 -5.73 4.16
CA LYS A 118 -4.48 -4.65 4.98
C LYS A 118 -3.80 -3.63 4.07
N ASP A 119 -3.99 -2.35 4.38
CA ASP A 119 -3.39 -1.26 3.61
C ASP A 119 -2.16 -0.75 4.31
N GLN A 120 -1.48 0.17 3.64
CA GLN A 120 -0.29 0.81 4.20
C GLN A 120 -0.64 1.56 5.46
N SER A 121 0.29 1.57 6.41
CA SER A 121 0.03 2.21 7.67
C SER A 121 1.36 2.55 8.35
N ALA B 1 3.05 4.52 10.74
CA ALA B 1 4.47 4.68 10.36
C ALA B 1 5.23 5.42 11.45
N TRP B 2 6.55 5.28 11.42
CA TRP B 2 7.39 5.88 12.42
C TRP B 2 8.58 6.50 11.75
N LYS B 3 8.98 7.67 12.21
CA LYS B 3 10.22 8.28 11.77
C LYS B 3 10.95 8.79 12.99
N GLY B 4 12.25 8.52 13.06
CA GLY B 4 13.04 9.01 14.17
C GLY B 4 14.53 8.75 14.02
N GLU B 5 15.25 9.22 15.01
CA GLU B 5 16.72 9.13 15.05
C GLU B 5 17.16 8.00 15.94
N VAL B 6 18.17 7.27 15.47
CA VAL B 6 18.82 6.24 16.26
C VAL B 6 20.25 6.67 16.55
N LEU B 7 20.52 6.99 17.81
CA LEU B 7 21.88 7.43 18.17
C LEU B 7 22.86 6.27 18.22
N ALA B 8 24.03 6.49 17.66
CA ALA B 8 25.07 5.46 17.66
C ALA B 8 25.53 5.09 19.06
N ASN B 9 25.43 6.02 20.03
CA ASN B 9 25.88 5.72 21.40
C ASN B 9 24.76 5.11 22.29
N ASN B 10 23.60 4.81 21.71
CA ASN B 10 22.47 4.32 22.49
C ASN B 10 22.51 2.80 22.56
N GLU B 11 23.15 2.28 23.60
CA GLU B 11 23.36 0.84 23.72
C GLU B 11 22.04 0.09 23.86
N ALA B 12 21.08 0.69 24.55
CA ALA B 12 19.79 0.03 24.76
C ALA B 12 18.95 -0.03 23.49
N GLY B 13 19.21 0.87 22.56
CA GLY B 13 18.48 0.94 21.31
C GLY B 13 17.35 1.94 21.39
N GLN B 14 16.88 2.31 20.21
CA GLN B 14 15.78 3.23 20.05
C GLN B 14 14.49 2.46 19.85
N VAL B 15 13.57 2.55 20.80
CA VAL B 15 12.24 1.95 20.65
C VAL B 15 11.42 2.77 19.65
N THR B 16 10.70 2.06 18.79
CA THR B 16 9.86 2.69 17.78
C THR B 16 8.41 2.50 18.17
N SER B 17 7.50 3.13 17.43
CA SER B 17 6.05 2.96 17.63
C SER B 17 5.50 1.75 16.86
N ILE B 18 6.37 1.05 16.16
CA ILE B 18 5.96 -0.09 15.35
C ILE B 18 5.93 -1.36 16.16
N ILE B 19 4.78 -2.01 16.17
CA ILE B 19 4.65 -3.36 16.69
C ILE B 19 4.47 -4.28 15.51
N TYR B 20 5.45 -5.13 15.26
CA TYR B 20 5.41 -6.09 14.17
C TYR B 20 4.50 -7.25 14.56
N ASN B 21 3.46 -7.49 13.77
CA ASN B 21 2.53 -8.59 14.03
C ASN B 21 2.61 -9.67 12.97
N PRO B 22 2.21 -10.92 13.30
CA PRO B 22 2.28 -11.98 12.28
C PRO B 22 1.60 -11.58 10.98
N GLY B 23 2.32 -11.77 9.88
CA GLY B 23 1.81 -11.47 8.56
C GLY B 23 2.13 -10.07 8.06
N ASP B 24 2.61 -9.19 8.95
CA ASP B 24 2.90 -7.81 8.54
C ASP B 24 3.99 -7.76 7.49
N VAL B 25 3.89 -6.81 6.57
CA VAL B 25 4.96 -6.53 5.60
C VAL B 25 5.42 -5.12 5.95
N ILE B 26 6.75 -4.96 6.07
CA ILE B 26 7.26 -3.66 6.43
C ILE B 26 8.36 -3.18 5.50
N THR B 27 8.46 -1.87 5.40
CA THR B 27 9.58 -1.23 4.71
C THR B 27 10.31 -0.28 5.65
N ILE B 28 11.65 -0.36 5.62
CA ILE B 28 12.51 0.53 6.40
C ILE B 28 13.50 1.17 5.45
N VAL B 29 13.72 2.47 5.61
CA VAL B 29 14.81 3.18 4.92
C VAL B 29 15.60 3.94 5.97
N ALA B 30 16.91 3.71 6.01
CA ALA B 30 17.80 4.38 6.97
C ALA B 30 18.84 5.23 6.26
N ALA B 31 19.17 6.40 6.84
CA ALA B 31 20.15 7.28 6.24
C ALA B 31 20.99 7.89 7.32
N GLY B 32 22.14 8.42 6.93
CA GLY B 32 22.97 9.22 7.82
C GLY B 32 24.36 8.68 8.07
N TRP B 33 25.01 9.25 9.07
CA TRP B 33 26.45 9.01 9.27
C TRP B 33 26.72 8.83 10.75
N ALA B 34 27.50 7.81 11.09
CA ALA B 34 27.77 7.50 12.50
C ALA B 34 29.14 6.82 12.63
N SER B 35 29.66 6.85 13.86
CA SER B 35 30.94 6.19 14.13
C SER B 35 30.89 5.36 15.40
N TYR B 36 31.64 4.26 15.40
CA TYR B 36 31.79 3.42 16.58
C TYR B 36 33.03 3.81 17.38
N GLY B 37 33.66 4.94 17.02
CA GLY B 37 34.78 5.44 17.79
C GLY B 37 35.75 6.30 17.00
N PRO B 38 36.15 5.85 15.80
CA PRO B 38 37.09 6.64 14.99
C PRO B 38 36.52 7.97 14.54
N THR B 39 37.38 8.89 14.13
CA THR B 39 36.92 10.20 13.67
C THR B 39 36.09 10.12 12.37
N GLN B 40 36.41 9.15 11.52
CA GLN B 40 35.63 8.85 10.31
C GLN B 40 34.20 8.45 10.67
N LYS B 41 33.26 8.65 9.75
CA LYS B 41 31.91 8.12 9.93
C LYS B 41 31.54 7.24 8.77
N TRP B 42 30.61 6.33 9.03
CA TRP B 42 30.10 5.35 8.06
C TRP B 42 28.58 5.44 7.95
N GLY B 43 28.05 4.96 6.82
CA GLY B 43 26.61 4.90 6.66
C GLY B 43 26.02 3.67 7.34
N PRO B 44 24.72 3.41 7.11
CA PRO B 44 24.03 2.36 7.88
C PRO B 44 24.43 0.90 7.55
N GLN B 45 25.30 0.69 6.56
CA GLN B 45 25.92 -0.63 6.37
C GLN B 45 27.18 -0.79 7.23
N GLY B 46 27.63 0.29 7.87
CA GLY B 46 28.80 0.18 8.75
C GLY B 46 30.11 0.13 8.00
N ASP B 47 31.10 -0.39 8.70
CA ASP B 47 32.49 -0.40 8.20
C ASP B 47 32.89 -1.80 7.74
N ARG B 48 32.95 -1.99 6.42
CA ARG B 48 33.22 -3.31 5.83
C ARG B 48 34.66 -3.80 6.08
N GLU B 49 35.52 -2.92 6.58
CA GLU B 49 36.94 -3.25 6.81
C GLU B 49 37.24 -3.63 8.26
N HIS B 50 36.27 -3.48 9.15
CA HIS B 50 36.51 -3.64 10.58
C HIS B 50 36.20 -5.05 11.08
N PRO B 51 37.13 -5.68 11.83
CA PRO B 51 36.85 -7.03 12.32
C PRO B 51 35.74 -7.05 13.38
N ASP B 52 34.92 -8.09 13.36
CA ASP B 52 33.92 -8.35 14.42
C ASP B 52 34.63 -8.78 15.70
N GLN B 53 34.51 -7.97 16.74
CA GLN B 53 35.18 -8.23 18.04
C GLN B 53 34.14 -8.48 19.14
N GLY B 54 32.96 -8.99 18.74
CA GLY B 54 31.91 -9.26 19.70
C GLY B 54 30.68 -8.39 19.49
N LEU B 55 30.34 -8.16 18.22
CA LEU B 55 29.20 -7.32 17.89
C LEU B 55 27.88 -7.92 18.35
N ILE B 56 26.90 -7.06 18.62
CA ILE B 56 25.57 -7.55 18.97
C ILE B 56 24.88 -8.26 17.81
N CYS B 57 25.34 -7.98 16.59
CA CYS B 57 24.84 -8.70 15.42
C CYS B 57 26.03 -9.13 14.59
N HIS B 58 26.25 -10.44 14.51
CA HIS B 58 27.40 -10.97 13.78
C HIS B 58 27.16 -11.06 12.28
N ASP B 59 25.93 -10.76 11.88
CA ASP B 59 25.53 -10.83 10.47
C ASP B 59 25.51 -9.46 9.83
N ALA B 60 26.11 -8.47 10.49
CA ALA B 60 26.25 -7.13 9.90
C ALA B 60 27.57 -6.53 10.35
N PHE B 61 28.08 -5.58 9.61
CA PHE B 61 29.33 -4.93 9.98
C PHE B 61 29.20 -4.06 11.23
N CYS B 62 30.35 -3.80 11.88
CA CYS B 62 30.40 -2.84 12.97
C CYS B 62 29.96 -1.50 12.40
N GLY B 63 29.04 -0.85 13.10
CA GLY B 63 28.50 0.43 12.65
C GLY B 63 27.26 0.35 11.76
N ALA B 64 26.74 -0.85 11.53
CA ALA B 64 25.52 -1.01 10.77
C ALA B 64 24.30 -0.81 11.65
N LEU B 65 23.17 -0.45 11.05
CA LEU B 65 21.91 -0.46 11.74
C LEU B 65 21.38 -1.88 11.81
N VAL B 66 20.94 -2.29 13.00
CA VAL B 66 20.25 -3.58 13.19
C VAL B 66 19.00 -3.37 14.00
N MET B 67 18.22 -4.43 14.19
CA MET B 67 16.99 -4.29 14.95
C MET B 67 16.73 -5.53 15.79
N LYS B 68 15.87 -5.38 16.79
CA LYS B 68 15.22 -6.51 17.44
C LYS B 68 13.73 -6.35 17.30
N ILE B 69 13.03 -7.46 17.14
CA ILE B 69 11.57 -7.45 17.08
C ILE B 69 11.13 -8.27 18.28
N GLY B 70 10.52 -7.61 19.25
CA GLY B 70 10.17 -8.26 20.52
C GLY B 70 11.41 -8.86 21.14
N ASN B 71 11.35 -10.14 21.47
CA ASN B 71 12.48 -10.80 22.11
C ASN B 71 13.37 -11.57 21.14
N SER B 72 13.37 -11.13 19.88
CA SER B 72 14.20 -11.76 18.88
C SER B 72 15.66 -11.47 19.15
N GLY B 73 16.51 -12.24 18.47
CA GLY B 73 17.88 -11.82 18.33
C GLY B 73 17.98 -10.67 17.37
N THR B 74 19.19 -10.14 17.19
CA THR B 74 19.37 -9.03 16.27
C THR B 74 19.21 -9.49 14.81
N ILE B 75 18.65 -8.58 14.01
CA ILE B 75 18.41 -8.81 12.60
C ILE B 75 19.00 -7.61 11.86
N PRO B 76 19.84 -7.86 10.82
CA PRO B 76 20.37 -6.72 10.08
C PRO B 76 19.30 -5.87 9.40
N VAL B 77 19.49 -4.55 9.46
CA VAL B 77 18.66 -3.59 8.71
C VAL B 77 19.51 -2.94 7.62
N ASN B 78 20.72 -2.51 7.96
CA ASN B 78 21.60 -1.84 7.03
C ASN B 78 20.90 -0.61 6.45
N THR B 79 20.88 -0.44 5.12
CA THR B 79 20.21 0.73 4.53
C THR B 79 18.70 0.63 4.56
N GLY B 80 18.18 -0.58 4.79
CA GLY B 80 16.74 -0.75 4.88
C GLY B 80 16.27 -2.10 4.40
N LEU B 81 14.95 -2.27 4.48
CA LEU B 81 14.32 -3.54 4.13
C LEU B 81 13.15 -3.18 3.25
N PHE B 82 13.00 -3.88 2.13
CA PHE B 82 11.94 -3.57 1.19
C PHE B 82 10.87 -4.66 1.20
N ARG B 83 9.65 -4.26 1.58
CA ARG B 83 8.50 -5.18 1.64
C ARG B 83 8.86 -6.51 2.28
N TRP B 84 9.32 -6.41 3.52
CA TRP B 84 9.96 -7.47 4.26
C TRP B 84 8.99 -8.12 5.26
N VAL B 85 9.06 -9.45 5.31
CA VAL B 85 8.31 -10.28 6.26
C VAL B 85 9.28 -10.94 7.23
N ALA B 86 8.95 -10.93 8.51
CA ALA B 86 9.78 -11.55 9.53
C ALA B 86 9.77 -13.08 9.46
N PRO B 87 10.79 -13.73 10.04
CA PRO B 87 10.78 -15.19 10.18
C PRO B 87 9.61 -15.63 11.05
N ASN B 88 9.26 -16.91 10.99
CA ASN B 88 8.18 -17.45 11.80
C ASN B 88 8.35 -17.18 13.29
N ASN B 89 7.25 -16.88 13.95
CA ASN B 89 7.21 -16.65 15.40
C ASN B 89 7.96 -15.41 15.89
N VAL B 90 8.36 -14.54 14.97
CA VAL B 90 8.98 -13.27 15.34
C VAL B 90 7.91 -12.18 15.34
N GLN B 91 7.72 -11.56 16.49
CA GLN B 91 6.76 -10.47 16.63
C GLN B 91 7.03 -9.57 17.84
N GLY B 92 6.45 -8.39 17.81
CA GLY B 92 6.55 -7.44 18.91
C GLY B 92 7.12 -6.09 18.50
N ALA B 93 7.40 -5.25 19.48
CA ALA B 93 7.90 -3.91 19.25
C ALA B 93 9.24 -3.94 18.51
N ILE B 94 9.42 -3.02 17.57
CA ILE B 94 10.68 -2.94 16.85
C ILE B 94 11.58 -1.96 17.57
N THR B 95 12.76 -2.42 17.92
CA THR B 95 13.77 -1.55 18.51
C THR B 95 14.95 -1.51 17.55
N LEU B 96 15.40 -0.31 17.22
CA LEU B 96 16.55 -0.10 16.32
C LEU B 96 17.84 0.12 17.10
N ILE B 97 18.94 -0.49 16.67
CA ILE B 97 20.18 -0.43 17.45
C ILE B 97 21.37 -0.32 16.53
N TYR B 98 22.31 0.52 16.93
CA TYR B 98 23.61 0.62 16.27
C TYR B 98 24.43 -0.63 16.61
N ASN B 99 25.08 -1.22 15.60
CA ASN B 99 25.84 -2.45 15.83
C ASN B 99 27.24 -2.15 16.37
N ASP B 100 27.46 -2.42 17.65
CA ASP B 100 28.80 -2.29 18.25
C ASP B 100 28.95 -3.40 19.27
N VAL B 101 30.13 -3.47 19.89
CA VAL B 101 30.40 -4.44 20.95
C VAL B 101 29.80 -3.94 22.28
N PRO B 102 29.09 -4.82 23.01
CA PRO B 102 28.57 -4.43 24.34
C PRO B 102 29.64 -3.81 25.24
N GLY B 103 29.30 -2.69 25.88
CA GLY B 103 30.20 -1.99 26.75
C GLY B 103 31.10 -1.00 26.05
N THR B 104 31.01 -0.91 24.71
CA THR B 104 31.88 -0.01 23.95
C THR B 104 31.15 1.16 23.25
N TYR B 105 29.92 1.43 23.68
CA TYR B 105 29.12 2.44 23.01
C TYR B 105 29.45 3.89 23.38
N GLY B 106 30.16 4.08 24.50
CA GLY B 106 30.36 5.43 25.01
C GLY B 106 31.13 6.38 24.12
N ASN B 107 32.00 5.87 23.26
CA ASN B 107 32.75 6.71 22.34
C ASN B 107 32.12 6.81 20.96
N ASN B 108 30.87 6.40 20.84
CA ASN B 108 30.21 6.45 19.53
C ASN B 108 29.67 7.84 19.25
N SER B 109 29.46 8.15 17.98
CA SER B 109 28.88 9.44 17.66
C SER B 109 28.05 9.36 16.40
N GLY B 110 27.24 10.40 16.21
CA GLY B 110 26.36 10.46 15.06
C GLY B 110 25.11 9.62 15.26
N SER B 111 24.38 9.41 14.17
CA SER B 111 23.05 8.83 14.28
C SER B 111 22.54 8.51 12.90
N PHE B 112 21.52 7.65 12.86
CA PHE B 112 20.79 7.41 11.61
C PHE B 112 19.35 7.90 11.71
N SER B 113 18.87 8.46 10.62
CA SER B 113 17.48 8.86 10.50
C SER B 113 16.77 7.72 9.80
N VAL B 114 15.68 7.22 10.40
CA VAL B 114 15.06 6.02 9.91
C VAL B 114 13.55 6.18 9.77
N ASN B 115 13.02 5.74 8.64
CA ASN B 115 11.56 5.60 8.45
C ASN B 115 11.16 4.15 8.45
N ILE B 116 10.06 3.82 9.12
CA ILE B 116 9.48 2.48 9.03
C ILE B 116 7.98 2.63 8.76
N GLY B 117 7.48 1.85 7.81
CA GLY B 117 6.05 1.83 7.54
C GLY B 117 5.58 0.41 7.30
N LYS B 118 4.30 0.17 7.52
CA LYS B 118 3.71 -1.12 7.17
C LYS B 118 3.16 -1.03 5.75
N ASP B 119 3.42 -2.07 4.97
CA ASP B 119 2.98 -2.16 3.58
C ASP B 119 1.69 -2.96 3.48
N GLN B 120 1.12 -2.97 2.29
CA GLN B 120 -0.09 -3.75 2.06
C GLN B 120 0.16 -5.24 2.26
N SER B 121 -0.83 -5.92 2.82
CA SER B 121 -0.69 -7.35 3.05
C SER B 121 -2.07 -8.02 3.07
N ALA C 1 -5.85 9.74 -4.26
CA ALA C 1 -7.14 9.08 -4.02
C ALA C 1 -8.27 10.07 -4.29
N TRP C 2 -9.45 9.54 -4.55
CA TRP C 2 -10.58 10.38 -4.90
C TRP C 2 -11.80 9.88 -4.14
N LYS C 3 -12.60 10.80 -3.63
CA LYS C 3 -13.88 10.45 -3.08
C LYS C 3 -14.89 11.43 -3.64
N GLY C 4 -16.04 10.93 -4.04
CA GLY C 4 -17.07 11.80 -4.57
C GLY C 4 -18.38 11.07 -4.82
N GLU C 5 -19.38 11.84 -5.23
CA GLU C 5 -20.71 11.35 -5.55
C GLU C 5 -20.91 11.19 -7.05
N VAL C 6 -21.60 10.12 -7.43
CA VAL C 6 -21.96 9.86 -8.81
C VAL C 6 -23.48 9.89 -8.87
N LEU C 7 -24.04 10.92 -9.50
CA LEU C 7 -25.49 11.05 -9.59
C LEU C 7 -26.04 10.11 -10.63
N ALA C 8 -27.16 9.47 -10.28
CA ALA C 8 -27.81 8.52 -11.19
C ALA C 8 -28.32 9.20 -12.47
N ASN C 9 -28.66 10.49 -12.40
CA ASN C 9 -29.14 11.17 -13.59
C ASN C 9 -28.04 11.82 -14.43
N ASN C 10 -26.78 11.58 -14.10
CA ASN C 10 -25.69 12.23 -14.82
C ASN C 10 -25.26 11.37 -16.00
N GLU C 11 -25.85 11.63 -17.16
CA GLU C 11 -25.62 10.81 -18.34
C GLU C 11 -24.17 10.85 -18.78
N ALA C 12 -23.53 12.00 -18.64
CA ALA C 12 -22.16 12.16 -19.11
C ALA C 12 -21.14 11.48 -18.19
N GLY C 13 -21.55 11.24 -16.96
CA GLY C 13 -20.69 10.58 -15.99
C GLY C 13 -19.98 11.59 -15.11
N GLN C 14 -19.49 11.08 -13.98
CA GLN C 14 -18.70 11.87 -13.05
C GLN C 14 -17.23 11.65 -13.31
N VAL C 15 -16.53 12.71 -13.72
CA VAL C 15 -15.08 12.64 -13.87
C VAL C 15 -14.43 12.62 -12.49
N THR C 16 -13.40 11.81 -12.35
CA THR C 16 -12.66 11.71 -11.11
C THR C 16 -11.28 12.31 -11.31
N SER C 17 -10.54 12.47 -10.21
CA SER C 17 -9.16 12.94 -10.28
C SER C 17 -8.18 11.81 -10.56
N ILE C 18 -8.67 10.59 -10.76
CA ILE C 18 -7.82 9.44 -11.01
C ILE C 18 -7.49 9.27 -12.49
N ILE C 19 -6.20 9.24 -12.81
CA ILE C 19 -5.76 8.89 -14.14
C ILE C 19 -5.16 7.50 -14.03
N TYR C 20 -5.79 6.51 -14.65
CA TYR C 20 -5.25 5.17 -14.61
C TYR C 20 -4.08 5.05 -15.58
N ASN C 21 -2.92 4.67 -15.07
CA ASN C 21 -1.73 4.51 -15.92
C ASN C 21 -1.31 3.04 -16.03
N PRO C 22 -0.60 2.67 -17.12
CA PRO C 22 -0.18 1.27 -17.26
C PRO C 22 0.54 0.76 -16.01
N GLY C 23 0.12 -0.42 -15.54
CA GLY C 23 0.68 -1.02 -14.36
C GLY C 23 -0.02 -0.68 -13.05
N ASP C 24 -0.85 0.37 -13.04
CA ASP C 24 -1.52 0.77 -11.80
C ASP C 24 -2.41 -0.33 -11.24
N VAL C 25 -2.49 -0.38 -9.91
CA VAL C 25 -3.44 -1.26 -9.20
C VAL C 25 -4.37 -0.33 -8.46
N ILE C 26 -5.69 -0.54 -8.63
CA ILE C 26 -6.62 0.34 -7.97
C ILE C 26 -7.67 -0.43 -7.16
N THR C 27 -8.18 0.26 -6.15
CA THR C 27 -9.31 -0.24 -5.38
C THR C 27 -10.42 0.81 -5.39
N ILE C 28 -11.65 0.33 -5.60
CA ILE C 28 -12.85 1.16 -5.61
C ILE C 28 -13.84 0.51 -4.64
N VAL C 29 -14.49 1.34 -3.84
CA VAL C 29 -15.62 0.90 -3.02
C VAL C 29 -16.74 1.89 -3.26
N ALA C 30 -17.92 1.37 -3.60
CA ALA C 30 -19.09 2.19 -3.91
C ALA C 30 -20.24 1.87 -2.97
N ALA C 31 -20.99 2.88 -2.53
CA ALA C 31 -22.11 2.67 -1.62
C ALA C 31 -23.24 3.58 -2.01
N GLY C 32 -24.43 3.24 -1.54
CA GLY C 32 -25.58 4.12 -1.66
C GLY C 32 -26.73 3.53 -2.43
N TRP C 33 -27.70 4.40 -2.74
CA TRP C 33 -28.99 3.99 -3.25
C TRP C 33 -29.41 4.91 -4.39
N ALA C 34 -29.85 4.30 -5.49
CA ALA C 34 -30.24 5.07 -6.68
C ALA C 34 -31.30 4.32 -7.46
N SER C 35 -31.98 5.07 -8.33
CA SER C 35 -33.03 4.50 -9.19
C SER C 35 -32.90 4.99 -10.62
N TYR C 36 -33.27 4.08 -11.53
CA TYR C 36 -33.36 4.39 -12.96
C TYR C 36 -34.75 4.83 -13.38
N GLY C 37 -35.64 5.01 -12.42
CA GLY C 37 -36.96 5.54 -12.72
C GLY C 37 -38.00 5.19 -11.68
N PRO C 38 -38.06 3.91 -11.27
CA PRO C 38 -39.09 3.51 -10.29
C PRO C 38 -38.89 4.16 -8.93
N THR C 39 -39.94 4.13 -8.12
CA THR C 39 -39.86 4.69 -6.77
C THR C 39 -38.84 3.94 -5.87
N GLN C 40 -38.73 2.63 -6.06
CA GLN C 40 -37.74 1.81 -5.37
C GLN C 40 -36.31 2.28 -5.70
N LYS C 41 -35.36 1.97 -4.82
CA LYS C 41 -33.94 2.20 -5.11
C LYS C 41 -33.14 0.94 -4.95
N TRP C 42 -32.02 0.89 -5.67
CA TRP C 42 -31.09 -0.25 -5.69
C TRP C 42 -29.69 0.22 -5.33
N GLY C 43 -28.87 -0.72 -4.86
CA GLY C 43 -27.47 -0.46 -4.61
C GLY C 43 -26.63 -0.51 -5.87
N PRO C 44 -25.30 -0.43 -5.73
CA PRO C 44 -24.42 -0.28 -6.90
C PRO C 44 -24.29 -1.51 -7.81
N GLN C 45 -24.89 -2.66 -7.45
CA GLN C 45 -25.07 -3.76 -8.41
C GLN C 45 -26.33 -3.60 -9.26
N GLY C 46 -27.18 -2.63 -8.94
CA GLY C 46 -28.37 -2.38 -9.73
C GLY C 46 -29.48 -3.38 -9.48
N ASP C 47 -30.33 -3.51 -10.48
CA ASP C 47 -31.57 -4.31 -10.36
C ASP C 47 -31.45 -5.60 -11.16
N ARG C 48 -31.22 -6.71 -10.44
CA ARG C 48 -31.02 -8.02 -11.06
C ARG C 48 -32.24 -8.55 -11.81
N GLU C 49 -33.41 -7.94 -11.59
CA GLU C 49 -34.65 -8.41 -12.23
C GLU C 49 -35.05 -7.65 -13.49
N HIS C 50 -34.29 -6.62 -13.84
CA HIS C 50 -34.68 -5.73 -14.91
C HIS C 50 -34.02 -6.10 -16.25
N PRO C 51 -34.81 -6.17 -17.33
CA PRO C 51 -34.19 -6.53 -18.62
C PRO C 51 -33.30 -5.42 -19.14
N ASP C 52 -32.22 -5.78 -19.81
CA ASP C 52 -31.36 -4.86 -20.58
C ASP C 52 -32.08 -4.41 -21.84
N GLN C 53 -32.39 -3.12 -21.89
CA GLN C 53 -33.08 -2.52 -23.04
C GLN C 53 -32.18 -1.54 -23.79
N GLY C 54 -30.87 -1.76 -23.73
CA GLY C 54 -29.92 -0.89 -24.40
C GLY C 54 -29.01 -0.15 -23.45
N LEU C 55 -28.57 -0.85 -22.41
CA LEU C 55 -27.74 -0.23 -21.38
C LEU C 55 -26.38 0.16 -21.92
N ILE C 56 -25.78 1.19 -21.33
CA ILE C 56 -24.43 1.57 -21.72
C ILE C 56 -23.41 0.51 -21.37
N CYS C 57 -23.74 -0.38 -20.44
CA CYS C 57 -22.87 -1.51 -20.13
C CYS C 57 -23.68 -2.79 -20.08
N HIS C 58 -23.49 -3.67 -21.06
CA HIS C 58 -24.28 -4.89 -21.13
C HIS C 58 -23.79 -5.97 -20.18
N ASP C 59 -22.67 -5.71 -19.50
CA ASP C 59 -22.08 -6.65 -18.57
C ASP C 59 -22.41 -6.33 -17.13
N ALA C 60 -23.37 -5.43 -16.92
CA ALA C 60 -23.83 -5.08 -15.57
C ALA C 60 -25.31 -4.81 -15.62
N PHE C 61 -25.99 -4.95 -14.50
CA PHE C 61 -27.42 -4.68 -14.45
C PHE C 61 -27.77 -3.20 -14.61
N CYS C 62 -29.02 -2.93 -15.00
CA CYS C 62 -29.53 -1.58 -15.01
C CYS C 62 -29.44 -1.05 -13.57
N GLY C 63 -28.88 0.14 -13.41
CA GLY C 63 -28.74 0.72 -12.08
C GLY C 63 -27.41 0.41 -11.40
N ALA C 64 -26.52 -0.32 -12.06
CA ALA C 64 -25.21 -0.61 -11.51
C ALA C 64 -24.27 0.56 -11.77
N LEU C 65 -23.24 0.67 -10.94
CA LEU C 65 -22.14 1.58 -11.22
C LEU C 65 -21.19 0.97 -12.24
N VAL C 66 -20.82 1.74 -13.26
CA VAL C 66 -19.82 1.31 -14.23
C VAL C 66 -18.81 2.43 -14.44
N MET C 67 -17.78 2.18 -15.24
CA MET C 67 -16.79 3.22 -15.47
C MET C 67 -16.26 3.16 -16.90
N LYS C 68 -15.66 4.26 -17.32
CA LYS C 68 -14.78 4.26 -18.48
C LYS C 68 -13.42 4.74 -18.05
N ILE C 69 -12.39 4.18 -18.65
CA ILE C 69 -11.01 4.62 -18.41
C ILE C 69 -10.49 5.15 -19.74
N GLY C 70 -10.28 6.46 -19.80
CA GLY C 70 -9.97 7.11 -21.06
C GLY C 70 -11.02 6.80 -22.11
N ASN C 71 -10.58 6.29 -23.25
CA ASN C 71 -11.47 6.04 -24.37
C ASN C 71 -12.00 4.62 -24.39
N SER C 72 -11.95 3.94 -23.24
CA SER C 72 -12.43 2.57 -23.17
C SER C 72 -13.94 2.49 -23.32
N GLY C 73 -14.38 1.28 -23.60
CA GLY C 73 -15.77 0.95 -23.37
C GLY C 73 -16.07 0.90 -21.89
N THR C 74 -17.33 0.70 -21.56
CA THR C 74 -17.71 0.63 -20.15
C THR C 74 -17.24 -0.66 -19.51
N ILE C 75 -16.87 -0.55 -18.24
CA ILE C 75 -16.39 -1.65 -17.45
C ILE C 75 -17.22 -1.66 -16.16
N PRO C 76 -17.78 -2.81 -15.79
CA PRO C 76 -18.53 -2.87 -14.53
C PRO C 76 -17.68 -2.54 -13.32
N VAL C 77 -18.24 -1.76 -12.40
CA VAL C 77 -17.65 -1.52 -11.10
C VAL C 77 -18.51 -2.19 -10.02
N ASN C 78 -19.82 -2.04 -10.09
CA ASN C 78 -20.71 -2.63 -9.11
C ASN C 78 -20.35 -2.11 -7.72
N THR C 79 -20.21 -2.98 -6.70
CA THR C 79 -19.88 -2.51 -5.34
C THR C 79 -18.42 -2.08 -5.22
N GLY C 80 -17.59 -2.45 -6.21
CA GLY C 80 -16.19 -2.07 -6.17
C GLY C 80 -15.28 -3.09 -6.78
N LEU C 81 -14.00 -2.71 -6.78
CA LEU C 81 -12.96 -3.53 -7.39
C LEU C 81 -11.82 -3.59 -6.40
N PHE C 82 -11.31 -4.79 -6.15
CA PHE C 82 -10.26 -4.98 -5.13
C PHE C 82 -8.91 -5.26 -5.77
N ARG C 83 -7.97 -4.34 -5.59
CA ARG C 83 -6.60 -4.51 -6.12
C ARG C 83 -6.61 -4.95 -7.58
N TRP C 84 -7.26 -4.12 -8.38
CA TRP C 84 -7.66 -4.39 -9.76
C TRP C 84 -6.67 -3.76 -10.76
N VAL C 85 -6.35 -4.53 -11.79
CA VAL C 85 -5.53 -4.10 -12.92
C VAL C 85 -6.36 -4.09 -14.20
N ALA C 86 -6.21 -3.03 -14.98
CA ALA C 86 -6.99 -2.88 -16.22
C ALA C 86 -6.48 -3.82 -17.30
N PRO C 87 -7.32 -4.09 -18.32
CA PRO C 87 -6.87 -4.85 -19.48
C PRO C 87 -5.76 -4.11 -20.20
N ASN C 88 -5.01 -4.82 -21.05
CA ASN C 88 -3.92 -4.20 -21.78
C ASN C 88 -4.37 -3.00 -22.61
N ASN C 89 -3.53 -1.97 -22.63
CA ASN C 89 -3.77 -0.77 -23.44
C ASN C 89 -4.90 0.12 -22.94
N VAL C 90 -5.44 -0.19 -21.77
CA VAL C 90 -6.48 0.64 -21.18
C VAL C 90 -5.82 1.63 -20.23
N GLN C 91 -6.00 2.90 -20.50
CA GLN C 91 -5.44 3.95 -19.64
C GLN C 91 -6.15 5.29 -19.79
N GLY C 92 -5.97 6.16 -18.81
CA GLY C 92 -6.51 7.49 -18.86
C GLY C 92 -7.44 7.82 -17.70
N ALA C 93 -8.13 8.96 -17.77
CA ALA C 93 -9.00 9.42 -16.70
C ALA C 93 -10.13 8.44 -16.42
N ILE C 94 -10.41 8.20 -15.16
CA ILE C 94 -11.55 7.35 -14.80
C ILE C 94 -12.78 8.21 -14.66
N THR C 95 -13.82 7.85 -15.41
CA THR C 95 -15.11 8.49 -15.27
C THR C 95 -16.11 7.44 -14.80
N LEU C 96 -16.86 7.76 -13.75
CA LEU C 96 -17.88 6.84 -13.19
C LEU C 96 -19.26 7.15 -13.74
N ILE C 97 -20.02 6.11 -14.07
CA ILE C 97 -21.31 6.35 -14.69
C ILE C 97 -22.35 5.39 -14.18
N TYR C 98 -23.56 5.88 -14.02
CA TYR C 98 -24.69 5.04 -13.66
C TYR C 98 -25.12 4.29 -14.91
N ASN C 99 -25.42 3.00 -14.79
CA ASN C 99 -25.79 2.21 -15.96
C ASN C 99 -27.28 2.37 -16.26
N ASP C 100 -27.60 3.08 -17.34
CA ASP C 100 -28.98 3.18 -17.84
C ASP C 100 -28.92 3.22 -19.37
N VAL C 101 -30.09 3.27 -20.00
CA VAL C 101 -30.18 3.38 -21.45
C VAL C 101 -30.00 4.86 -21.86
N PRO C 102 -29.15 5.11 -22.87
CA PRO C 102 -28.97 6.49 -23.37
C PRO C 102 -30.30 7.17 -23.67
N GLY C 103 -30.40 8.41 -23.20
CA GLY C 103 -31.61 9.19 -23.45
C GLY C 103 -32.66 9.02 -22.36
N THR C 104 -32.40 8.11 -21.40
CA THR C 104 -33.39 7.81 -20.35
C THR C 104 -32.97 8.19 -18.93
N TYR C 105 -31.97 9.06 -18.81
CA TYR C 105 -31.43 9.39 -17.49
C TYR C 105 -32.24 10.44 -16.74
N GLY C 106 -33.15 11.15 -17.44
CA GLY C 106 -33.84 12.27 -16.80
C GLY C 106 -34.71 11.96 -15.61
N ASN C 107 -35.22 10.73 -15.54
CA ASN C 107 -36.09 10.33 -14.44
C ASN C 107 -35.32 9.58 -13.35
N ASN C 108 -33.99 9.62 -13.41
CA ASN C 108 -33.20 8.89 -12.42
C ASN C 108 -33.09 9.68 -11.13
N SER C 109 -32.78 9.01 -10.03
CA SER C 109 -32.63 9.72 -8.77
C SER C 109 -31.62 9.00 -7.90
N GLY C 110 -31.17 9.69 -6.88
CA GLY C 110 -30.18 9.12 -5.97
C GLY C 110 -28.78 9.20 -6.55
N SER C 111 -27.87 8.53 -5.87
CA SER C 111 -26.45 8.67 -6.17
C SER C 111 -25.67 7.63 -5.42
N PHE C 112 -24.47 7.36 -5.92
CA PHE C 112 -23.52 6.50 -5.19
C PHE C 112 -22.34 7.32 -4.66
N SER C 113 -21.92 6.98 -3.46
CA SER C 113 -20.72 7.58 -2.87
C SER C 113 -19.57 6.63 -3.14
N VAL C 114 -18.51 7.12 -3.77
CA VAL C 114 -17.45 6.25 -4.23
C VAL C 114 -16.07 6.73 -3.78
N ASN C 115 -15.27 5.78 -3.31
CA ASN C 115 -13.83 6.00 -3.08
C ASN C 115 -13.02 5.25 -4.10
N ILE C 116 -11.99 5.89 -4.63
CA ILE C 116 -11.00 5.23 -5.46
C ILE C 116 -9.60 5.55 -4.95
N GLY C 117 -8.75 4.54 -4.86
CA GLY C 117 -7.36 4.79 -4.52
C GLY C 117 -6.44 3.91 -5.33
N LYS C 118 -5.19 4.34 -5.44
CA LYS C 118 -4.17 3.49 -6.05
C LYS C 118 -3.50 2.66 -4.96
N ASP C 119 -3.32 1.38 -5.25
CA ASP C 119 -2.64 0.46 -4.34
C ASP C 119 -1.18 0.30 -4.70
N GLN C 120 -0.46 -0.44 -3.88
CA GLN C 120 0.95 -0.68 -4.13
C GLN C 120 1.15 -1.49 -5.40
N SER C 121 2.24 -1.24 -6.10
CA SER C 121 2.48 -1.92 -7.35
C SER C 121 3.98 -1.88 -7.67
N ALA D 1 6.69 -3.20 -9.44
CA ALA D 1 7.96 -2.98 -8.74
C ALA D 1 9.11 -3.44 -9.61
N TRP D 2 10.32 -2.97 -9.26
CA TRP D 2 11.50 -3.31 -10.03
C TRP D 2 12.60 -3.63 -9.05
N LYS D 3 13.39 -4.64 -9.36
CA LYS D 3 14.60 -4.93 -8.62
C LYS D 3 15.70 -5.16 -9.63
N GLY D 4 16.87 -4.59 -9.38
CA GLY D 4 18.01 -4.76 -10.27
C GLY D 4 19.29 -4.16 -9.75
N GLU D 5 20.36 -4.39 -10.50
CA GLU D 5 21.70 -3.91 -10.16
C GLU D 5 22.05 -2.67 -10.96
N VAL D 6 22.69 -1.72 -10.28
CA VAL D 6 23.18 -0.50 -10.92
C VAL D 6 24.70 -0.53 -10.83
N LEU D 7 25.37 -0.73 -11.97
CA LEU D 7 26.84 -0.79 -11.99
C LEU D 7 27.44 0.60 -11.86
N ALA D 8 28.45 0.68 -11.01
CA ALA D 8 29.15 1.94 -10.78
C ALA D 8 29.83 2.46 -12.06
N ASN D 9 30.19 1.58 -12.99
CA ASN D 9 30.88 2.03 -14.20
C ASN D 9 29.89 2.34 -15.35
N ASN D 10 28.60 2.31 -15.09
CA ASN D 10 27.60 2.50 -16.14
C ASN D 10 27.28 3.98 -16.26
N GLU D 11 28.02 4.69 -17.11
CA GLU D 11 27.84 6.13 -17.25
C GLU D 11 26.43 6.52 -17.70
N ALA D 12 25.84 5.72 -18.58
CA ALA D 12 24.53 6.03 -19.11
C ALA D 12 23.40 5.82 -18.11
N GLY D 13 23.68 5.01 -17.09
CA GLY D 13 22.68 4.68 -16.09
C GLY D 13 21.93 3.41 -16.41
N GLN D 14 21.26 2.91 -15.38
CA GLN D 14 20.45 1.70 -15.46
C GLN D 14 18.99 2.10 -15.59
N VAL D 15 18.40 1.80 -16.74
CA VAL D 15 16.97 2.05 -16.92
C VAL D 15 16.21 1.02 -16.10
N THR D 16 15.09 1.45 -15.51
CA THR D 16 14.26 0.56 -14.72
C THR D 16 12.95 0.40 -15.46
N SER D 17 12.09 -0.51 -15.00
CA SER D 17 10.74 -0.68 -15.52
C SER D 17 9.74 0.34 -14.95
N ILE D 18 10.19 1.19 -14.05
CA ILE D 18 9.31 2.17 -13.40
C ILE D 18 9.14 3.43 -14.22
N ILE D 19 7.88 3.76 -14.53
CA ILE D 19 7.53 5.03 -15.13
C ILE D 19 6.85 5.85 -14.05
N TYR D 20 7.50 6.91 -13.60
CA TYR D 20 6.92 7.79 -12.60
C TYR D 20 5.87 8.67 -13.25
N ASN D 21 4.63 8.58 -12.77
CA ASN D 21 3.53 9.39 -13.30
C ASN D 21 3.06 10.41 -12.27
N PRO D 22 2.48 11.53 -12.72
CA PRO D 22 1.97 12.55 -11.79
C PRO D 22 1.12 11.95 -10.66
N GLY D 23 1.46 12.32 -9.42
CA GLY D 23 0.75 11.83 -8.26
C GLY D 23 1.31 10.56 -7.64
N ASP D 24 2.20 9.85 -8.35
CA ASP D 24 2.73 8.60 -7.82
C ASP D 24 3.52 8.82 -6.53
N VAL D 25 3.45 7.83 -5.64
CA VAL D 25 4.29 7.80 -4.44
C VAL D 25 5.17 6.57 -4.61
N ILE D 26 6.49 6.75 -4.43
CA ILE D 26 7.39 5.64 -4.58
C ILE D 26 8.30 5.44 -3.38
N THR D 27 8.75 4.20 -3.22
CA THR D 27 9.78 3.88 -2.26
C THR D 27 10.93 3.18 -2.95
N ILE D 28 12.15 3.59 -2.59
CA ILE D 28 13.39 3.00 -3.11
C ILE D 28 14.24 2.60 -1.92
N VAL D 29 14.82 1.40 -1.99
CA VAL D 29 15.84 0.98 -1.02
C VAL D 29 17.05 0.51 -1.83
N ALA D 30 18.22 1.06 -1.53
CA ALA D 30 19.47 0.70 -2.21
C ALA D 30 20.50 0.13 -1.24
N ALA D 31 21.27 -0.87 -1.68
CA ALA D 31 22.26 -1.50 -0.84
C ALA D 31 23.46 -1.82 -1.67
N GLY D 32 24.59 -2.04 -1.00
CA GLY D 32 25.78 -2.57 -1.66
C GLY D 32 26.98 -1.67 -1.55
N TRP D 33 28.01 -2.03 -2.31
CA TRP D 33 29.33 -1.41 -2.19
C TRP D 33 29.89 -1.13 -3.58
N ALA D 34 30.41 0.08 -3.75
CA ALA D 34 30.96 0.50 -5.05
C ALA D 34 32.07 1.52 -4.85
N SER D 35 32.85 1.70 -5.90
CA SER D 35 33.93 2.69 -5.89
C SER D 35 33.97 3.51 -7.16
N TYR D 36 34.41 4.76 -7.02
CA TYR D 36 34.63 5.65 -8.15
C TYR D 36 36.09 5.62 -8.60
N GLY D 37 36.87 4.69 -8.09
CA GLY D 37 38.28 4.58 -8.53
C GLY D 37 39.17 3.93 -7.50
N PRO D 38 39.14 4.42 -6.25
CA PRO D 38 40.02 3.87 -5.20
C PRO D 38 39.74 2.41 -4.87
N THR D 39 40.71 1.74 -4.25
CA THR D 39 40.51 0.35 -3.83
C THR D 39 39.37 0.19 -2.79
N GLN D 40 39.23 1.16 -1.90
CA GLN D 40 38.11 1.20 -0.95
C GLN D 40 36.77 1.23 -1.68
N LYS D 41 35.72 0.77 -0.98
CA LYS D 41 34.35 0.94 -1.50
C LYS D 41 33.50 1.67 -0.49
N TRP D 42 32.43 2.27 -1.02
CA TRP D 42 31.46 3.07 -0.24
C TRP D 42 30.04 2.58 -0.53
N GLY D 43 29.13 2.84 0.41
CA GLY D 43 27.72 2.54 0.24
C GLY D 43 27.02 3.58 -0.59
N PRO D 44 25.69 3.49 -0.68
CA PRO D 44 24.94 4.33 -1.63
C PRO D 44 24.88 5.83 -1.27
N GLN D 45 25.38 6.24 -0.11
CA GLN D 45 25.57 7.67 0.18
C GLN D 45 26.91 8.19 -0.36
N GLY D 46 27.78 7.28 -0.82
CA GLY D 46 29.05 7.67 -1.40
C GLY D 46 30.08 8.05 -0.36
N ASP D 47 31.04 8.84 -0.79
CA ASP D 47 32.20 9.23 0.02
C ASP D 47 32.09 10.67 0.51
N ARG D 48 31.80 10.83 1.81
CA ARG D 48 31.56 12.15 2.39
C ARG D 48 32.82 13.00 2.47
N GLU D 49 33.99 12.39 2.22
CA GLU D 49 35.26 13.12 2.35
C GLU D 49 35.80 13.62 1.02
N HIS D 50 35.16 13.25 -0.07
CA HIS D 50 35.69 13.50 -1.41
C HIS D 50 35.13 14.79 -2.01
N PRO D 51 36.01 15.67 -2.53
CA PRO D 51 35.52 16.91 -3.15
C PRO D 51 34.77 16.63 -4.44
N ASP D 52 33.73 17.45 -4.68
CA ASP D 52 32.98 17.48 -5.94
C ASP D 52 33.83 18.13 -7.01
N GLN D 53 34.18 17.36 -8.03
CA GLN D 53 35.05 17.84 -9.12
C GLN D 53 34.30 17.84 -10.44
N GLY D 54 32.98 17.99 -10.36
CA GLY D 54 32.16 17.98 -11.56
C GLY D 54 31.19 16.83 -11.62
N LEU D 55 30.62 16.49 -10.48
CA LEU D 55 29.69 15.37 -10.39
C LEU D 55 28.40 15.61 -11.19
N ILE D 56 27.78 14.52 -11.66
CA ILE D 56 26.50 14.65 -12.36
C ILE D 56 25.41 15.10 -11.43
N CYS D 57 25.61 14.93 -10.14
CA CYS D 57 24.67 15.44 -9.15
C CYS D 57 25.43 16.15 -8.03
N HIS D 58 25.29 17.48 -7.96
CA HIS D 58 26.04 18.27 -6.99
C HIS D 58 25.42 18.24 -5.60
N ASP D 59 24.25 17.61 -5.48
CA ASP D 59 23.51 17.51 -4.22
C ASP D 59 23.70 16.16 -3.55
N ALA D 60 24.67 15.37 -4.02
CA ALA D 60 25.01 14.10 -3.39
C ALA D 60 26.52 13.92 -3.49
N PHE D 61 27.09 13.11 -2.61
CA PHE D 61 28.51 12.84 -2.65
C PHE D 61 28.91 12.01 -3.85
N CYS D 62 30.20 12.09 -4.19
CA CYS D 62 30.75 11.20 -5.19
C CYS D 62 30.57 9.76 -4.70
N GLY D 63 30.08 8.90 -5.57
CA GLY D 63 29.82 7.52 -5.22
C GLY D 63 28.41 7.25 -4.70
N ALA D 64 27.55 8.26 -4.61
CA ALA D 64 26.18 8.06 -4.18
C ALA D 64 25.33 7.58 -5.33
N LEU D 65 24.20 6.94 -5.00
CA LEU D 65 23.19 6.61 -6.00
C LEU D 65 22.33 7.84 -6.27
N VAL D 66 22.12 8.15 -7.53
CA VAL D 66 21.19 9.22 -7.93
C VAL D 66 20.28 8.72 -9.01
N MET D 67 19.32 9.54 -9.42
CA MET D 67 18.39 9.12 -10.48
C MET D 67 18.00 10.28 -11.36
N LYS D 68 17.51 9.94 -12.54
CA LYS D 68 16.75 10.87 -13.39
C LYS D 68 15.38 10.30 -13.62
N ILE D 69 14.38 11.17 -13.71
CA ILE D 69 13.02 10.77 -14.00
C ILE D 69 12.66 11.50 -15.28
N GLY D 70 12.51 10.73 -16.35
CA GLY D 70 12.34 11.31 -17.69
C GLY D 70 13.49 12.26 -18.00
N ASN D 71 13.12 13.48 -18.36
CA ASN D 71 14.08 14.51 -18.75
C ASN D 71 14.59 15.35 -17.60
N SER D 72 14.40 14.88 -16.37
CA SER D 72 14.76 15.69 -15.22
C SER D 72 16.27 15.80 -15.10
N GLY D 73 16.68 16.73 -14.27
CA GLY D 73 18.05 16.71 -13.79
C GLY D 73 18.20 15.58 -12.79
N THR D 74 19.42 15.41 -12.30
CA THR D 74 19.67 14.35 -11.33
C THR D 74 19.05 14.69 -9.97
N ILE D 75 18.54 13.66 -9.32
CA ILE D 75 17.93 13.76 -8.00
C ILE D 75 18.62 12.72 -7.10
N PRO D 76 19.10 13.13 -5.91
CA PRO D 76 19.72 12.16 -5.02
C PRO D 76 18.79 11.04 -4.56
N VAL D 77 19.32 9.83 -4.55
CA VAL D 77 18.62 8.68 -3.98
C VAL D 77 19.32 8.26 -2.69
N ASN D 78 20.65 8.15 -2.73
CA ASN D 78 21.40 7.71 -1.56
C ASN D 78 20.91 6.34 -1.14
N THR D 79 20.61 6.11 0.16
CA THR D 79 20.14 4.79 0.61
C THR D 79 18.71 4.48 0.20
N GLY D 80 17.98 5.49 -0.22
CA GLY D 80 16.59 5.29 -0.59
C GLY D 80 15.70 6.47 -0.34
N LEU D 81 14.44 6.30 -0.73
CA LEU D 81 13.46 7.35 -0.59
C LEU D 81 12.21 6.66 -0.05
N PHE D 82 11.65 7.22 1.01
CA PHE D 82 10.48 6.62 1.66
C PHE D 82 9.19 7.37 1.34
N ARG D 83 8.27 6.70 0.65
CA ARG D 83 6.95 7.28 0.32
C ARG D 83 7.11 8.69 -0.27
N TRP D 84 7.89 8.73 -1.34
CA TRP D 84 8.39 9.95 -1.94
C TRP D 84 7.53 10.36 -3.15
N VAL D 85 7.27 11.66 -3.23
CA VAL D 85 6.60 12.30 -4.36
C VAL D 85 7.55 13.25 -5.08
N ALA D 86 7.53 13.21 -6.41
CA ALA D 86 8.43 14.04 -7.21
C ALA D 86 7.97 15.50 -7.21
N PRO D 87 8.89 16.43 -7.53
CA PRO D 87 8.49 17.82 -7.72
C PRO D 87 7.51 17.96 -8.89
N ASN D 88 6.83 19.10 -8.95
CA ASN D 88 5.88 19.36 -10.03
C ASN D 88 6.48 19.20 -11.41
N ASN D 89 5.70 18.63 -12.32
CA ASN D 89 6.10 18.46 -13.72
C ASN D 89 7.25 17.49 -13.95
N VAL D 90 7.60 16.70 -12.94
CA VAL D 90 8.61 15.67 -13.12
C VAL D 90 7.91 14.34 -13.35
N GLN D 91 8.17 13.73 -14.48
CA GLN D 91 7.60 12.43 -14.78
C GLN D 91 8.39 11.67 -15.84
N GLY D 92 8.14 10.37 -15.94
CA GLY D 92 8.76 9.54 -16.95
C GLY D 92 9.56 8.39 -16.38
N ALA D 93 10.29 7.69 -17.24
CA ALA D 93 11.08 6.53 -16.82
C ALA D 93 12.13 6.89 -15.79
N ILE D 94 12.29 6.02 -14.78
CA ILE D 94 13.34 6.23 -13.78
C ILE D 94 14.59 5.52 -14.23
N THR D 95 15.67 6.29 -14.33
CA THR D 95 16.98 5.73 -14.61
C THR D 95 17.85 5.98 -13.39
N LEU D 96 18.51 4.93 -12.91
CA LEU D 96 19.41 5.02 -11.73
C LEU D 96 20.85 5.17 -12.17
N ILE D 97 21.60 6.04 -11.51
CA ILE D 97 22.96 6.31 -11.97
C ILE D 97 23.89 6.47 -10.80
N TYR D 98 25.11 5.97 -10.93
CA TYR D 98 26.14 6.17 -9.95
C TYR D 98 26.69 7.60 -10.11
N ASN D 99 26.90 8.31 -9.00
CA ASN D 99 27.35 9.70 -9.09
C ASN D 99 28.87 9.78 -9.25
N ASP D 100 29.33 10.15 -10.45
CA ASP D 100 30.77 10.39 -10.70
C ASP D 100 30.85 11.55 -11.69
N VAL D 101 32.08 11.94 -12.01
CA VAL D 101 32.33 13.01 -12.98
C VAL D 101 32.22 12.41 -14.40
N PRO D 102 31.49 13.09 -15.30
CA PRO D 102 31.43 12.59 -16.70
C PRO D 102 32.81 12.32 -17.30
N GLY D 103 32.94 11.18 -17.96
CA GLY D 103 34.20 10.81 -18.57
C GLY D 103 35.14 10.04 -17.65
N THR D 104 34.74 9.88 -16.38
CA THR D 104 35.61 9.22 -15.40
C THR D 104 35.05 7.90 -14.84
N TYR D 105 34.11 7.29 -15.54
CA TYR D 105 33.46 6.08 -15.04
C TYR D 105 34.24 4.79 -15.30
N GLY D 106 35.25 4.85 -16.20
CA GLY D 106 35.90 3.61 -16.61
C GLY D 106 36.64 2.84 -15.53
N ASN D 107 37.09 3.55 -14.50
CA ASN D 107 37.81 2.92 -13.40
C ASN D 107 36.91 2.60 -12.21
N ASN D 108 35.59 2.69 -12.40
CA ASN D 108 34.66 2.41 -11.30
C ASN D 108 34.47 0.90 -11.13
N SER D 109 33.99 0.49 -9.95
CA SER D 109 33.78 -0.92 -9.72
C SER D 109 32.67 -1.09 -8.69
N GLY D 110 32.12 -2.31 -8.64
CA GLY D 110 31.03 -2.58 -7.74
C GLY D 110 29.70 -2.13 -8.31
N SER D 111 28.67 -2.18 -7.47
CA SER D 111 27.31 -1.98 -7.91
C SER D 111 26.42 -1.86 -6.69
N PHE D 112 25.26 -1.26 -6.91
CA PHE D 112 24.19 -1.24 -5.90
C PHE D 112 23.01 -2.11 -6.33
N SER D 113 22.43 -2.80 -5.35
CA SER D 113 21.21 -3.57 -5.56
C SER D 113 20.04 -2.71 -5.12
N VAL D 114 19.07 -2.50 -6.00
CA VAL D 114 18.05 -1.52 -5.73
C VAL D 114 16.66 -2.09 -5.96
N ASN D 115 15.77 -1.83 -5.00
CA ASN D 115 14.33 -2.08 -5.16
C ASN D 115 13.58 -0.78 -5.32
N ILE D 116 12.62 -0.74 -6.25
CA ILE D 116 11.69 0.38 -6.35
C ILE D 116 10.28 -0.15 -6.44
N GLY D 117 9.39 0.43 -5.65
CA GLY D 117 7.98 0.10 -5.75
C GLY D 117 7.10 1.33 -5.70
N LYS D 118 5.91 1.22 -6.25
CA LYS D 118 4.93 2.28 -6.07
C LYS D 118 4.12 1.99 -4.82
N ASP D 119 3.90 3.03 -4.02
CA ASP D 119 3.09 2.96 -2.81
C ASP D 119 1.66 3.38 -3.07
N GLN D 120 0.81 3.21 -2.06
CA GLN D 120 -0.57 3.64 -2.15
C GLN D 120 -0.68 5.14 -2.32
N SER D 121 -1.68 5.58 -3.09
CA SER D 121 -1.86 6.99 -3.33
C SER D 121 -3.30 7.28 -3.74
CA CA E . -34.20 -15.44 7.72
C12 G0P F . -45.01 -2.49 6.83
C13 G0P F . -43.72 -1.77 7.13
C14 G0P F . -43.00 -1.90 5.81
C15 G0P F . -43.44 -3.31 5.34
N16 G0P F . -44.58 -3.70 6.16
C17 G0P F . -45.17 -5.04 6.27
O18 G0P F . -46.13 -5.24 6.98
C19 G0P F . -44.56 -6.17 5.45
C20 G0P F . -45.63 -6.70 4.47
C21 G0P F . -46.41 -7.94 4.94
C22 G0P F . -47.94 -7.75 4.72
C23 G0P F . -48.45 -8.64 3.59
N24 G0P F . -49.74 -8.18 3.16
N25 G0P F . -43.91 -7.22 6.20
C26 G0P F . -42.87 -7.91 5.49
O27 G0P F . -42.67 -7.53 4.35
C28 G0P F . -41.97 -9.07 5.94
C29 G0P F . -41.73 -9.59 7.36
C30 G0P F . -40.84 -10.64 7.56
C31 G0P F . -40.12 -11.24 6.36
C32 G0P F . -40.33 -10.76 5.12
C33 G0P F . -41.29 -9.62 4.91
O34 G0P F . -39.17 -12.32 6.39
C35 G0P F . -38.61 -12.70 7.64
O36 G0P F . -37.68 -11.72 8.06
C37 G0P F . -37.15 -12.05 9.33
C38 G0P F . -36.22 -10.94 9.73
O39 G0P F . -36.96 -9.75 9.88
C40 G0P F . -36.39 -13.38 9.29
O41 G0P F . -35.24 -13.32 8.47
C42 G0P F . -37.30 -14.45 8.73
O43 G0P F . -36.53 -15.59 8.50
C44 G0P F . -37.90 -14.00 7.42
O45 G0P F . -38.80 -14.99 6.95
H121 G0P F . -45.49 -2.72 7.65
H122 G0P F . -45.58 -1.96 6.24
H132 G0P F . -43.23 -2.22 7.84
H131 G0P F . -43.88 -0.83 7.35
H141 G0P F . -42.03 -1.87 5.93
H142 G0P F . -43.30 -1.22 5.18
H151 G0P F . -42.71 -3.94 5.46
H152 G0P F . -43.71 -3.27 4.40
H191 G0P F . -43.86 -5.76 4.90
H201 G0P F . -45.17 -6.93 3.63
H202 G0P F . -46.26 -5.98 4.29
H211 G0P F . -46.25 -8.09 5.90
H212 G0P F . -46.11 -8.73 4.44
H222 G0P F . -48.11 -6.81 4.49
H221 G0P F . -48.41 -7.98 5.55
H231 G0P F . -47.83 -8.61 2.84
H232 G0P F . -48.53 -9.56 3.91
H242 G0P F . -50.10 -7.61 3.79
H241 G0P F . -50.30 -8.90 3.07
H251 G0P F . -44.15 -7.42 7.06
H291 G0P F . -42.21 -9.20 8.11
H301 G0P F . -40.68 -10.99 8.45
H321 G0P F . -39.86 -11.15 4.37
H331 G0P F . -41.44 -9.28 4.01
H351 G0P F . -39.32 -12.81 8.30
H371 G0P F . -37.87 -12.11 9.98
H381 G0P F . -35.54 -10.82 9.03
H382 G0P F . -35.79 -11.16 10.57
H391 G0P F . -36.53 -9.20 10.43
H401 G0P F . -36.14 -13.62 10.20
H411 G0P F . -34.59 -13.80 8.84
H421 G0P F . -38.01 -14.64 9.36
H431 G0P F . -35.69 -15.42 8.69
H441 G0P F . -37.19 -13.87 6.77
H451 G0P F . -39.47 -15.07 7.52
CA CA G . 32.48 2.14 20.21
C12 G0P H . 43.95 -5.85 10.74
C13 G0P H . 42.66 -6.48 10.24
C14 G0P H . 42.08 -5.34 9.44
C15 G0P H . 42.50 -4.12 10.27
N16 G0P H . 43.53 -4.56 11.20
C17 G0P H . 44.03 -3.82 12.38
O18 G0P H . 44.90 -4.30 13.08
C19 G0P H . 43.45 -2.45 12.68
C20 G0P H . 44.57 -1.40 12.58
C21 G0P H . 45.25 -1.01 13.92
C22 G0P H . 46.80 -1.03 13.78
C23 G0P H . 47.38 0.38 13.82
N24 G0P H . 48.73 0.36 13.33
N25 G0P H . 42.68 -2.35 13.90
C26 G0P H . 41.69 -1.31 13.89
O27 G0P H . 41.62 -0.65 12.88
C28 G0P H . 40.67 -0.88 14.98
C29 G0P H . 40.26 -1.63 16.25
C30 G0P H . 39.31 -1.08 17.09
C31 G0P H . 38.69 0.26 16.73
C32 G0P H . 39.06 0.90 15.61
C33 G0P H . 40.09 0.30 14.69
O34 G0P H . 37.67 0.97 17.48
C35 G0P H . 36.98 0.27 18.50
O36 G0P H . 36.09 -0.62 17.91
C37 G0P H . 35.38 -1.36 18.89
C38 G0P H . 34.48 -2.32 18.16
O39 G0P H . 35.26 -3.26 17.43
C40 G0P H . 34.58 -0.49 19.83
O41 G0P H . 33.52 0.18 19.17
C42 G0P H . 35.47 0.59 20.40
O43 G0P H . 34.66 1.51 21.06
C44 G0P H . 36.22 1.29 19.29
O45 G0P H . 37.11 2.22 19.82
H121 G0P H . 44.33 -6.37 11.47
H122 G0P H . 44.60 -5.76 10.00
H132 G0P H . 42.08 -6.72 10.98
H131 G0P H . 42.84 -7.26 9.65
H141 G0P H . 41.09 -5.41 9.40
H142 G0P H . 42.47 -5.29 8.55
H151 G0P H . 41.72 -3.77 10.77
H152 G0P H . 42.85 -3.42 9.69
H191 G0P H . 42.82 -2.26 11.95
H201 G0P H . 44.19 -0.59 12.19
H202 G0P H . 45.25 -1.74 11.98
H211 G0P H . 44.98 -1.66 14.60
H212 G0P H . 44.95 -0.12 14.18
H222 G0P H . 47.03 -1.45 12.92
H221 G0P H . 47.17 -1.56 14.52
H231 G0P H . 46.83 0.97 13.26
H232 G0P H . 47.37 0.70 14.75
H242 G0P H . 49.04 -0.50 13.32
H241 G0P H . 49.26 0.87 13.89
H251 G0P H . 42.82 -2.90 14.62
H291 G0P H . 40.67 -2.49 16.47
H301 G0P H . 39.04 -1.54 17.90
H321 G0P H . 38.65 1.75 15.38
H331 G0P H . 40.35 0.78 13.88
H351 G0P H . 37.61 -0.20 19.08
H371 G0P H . 36.03 -1.88 19.41
H381 G0P H . 33.91 -1.83 17.53
H382 G0P H . 33.92 -2.80 18.80
H391 G0P H . 34.79 -4.01 17.32
H401 G0P H . 34.23 -1.03 20.56
H411 G0P H . 32.82 0.22 19.73
H421 G0P H . 36.11 0.19 21.03
H431 G0P H . 35.13 1.92 21.67
H441 G0P H . 35.57 1.75 18.70
H451 G0P H . 37.69 1.82 20.36
CA CA I . -34.10 6.11 -16.39
C12 G0P J . -40.99 -9.23 -17.74
C13 G0P J . -39.51 -9.57 -17.69
C14 G0P J . -39.21 -9.30 -16.24
C15 G0P J . -40.10 -8.09 -15.94
N16 G0P J . -41.06 -7.98 -17.02
C17 G0P J . -41.94 -6.83 -17.33
O18 G0P J . -42.71 -6.86 -18.26
C19 G0P J . -41.87 -5.60 -16.42
C20 G0P J . -43.24 -5.41 -15.75
C21 G0P J . -44.19 -4.40 -16.44
C22 G0P J . -45.61 -5.00 -16.59
C23 G0P J . -46.61 -4.32 -15.66
N24 G0P J . -47.78 -5.11 -15.54
N25 G0P J . -41.37 -4.40 -17.04
C26 G0P J . -40.75 -3.47 -16.12
O27 G0P J . -40.74 -3.82 -14.96
C28 G0P J . -40.09 -2.10 -16.37
C29 G0P J . -39.63 -1.49 -17.69
C30 G0P J . -39.02 -0.25 -17.70
C31 G0P J . -38.83 0.48 -16.39
C32 G0P J . -39.25 -0.07 -15.22
C33 G0P J . -39.89 -1.43 -15.22
O34 G0P J . -38.22 1.78 -16.23
C35 G0P J . -37.51 2.30 -17.31
O36 G0P J . -36.29 1.60 -17.46
C37 G0P J . -35.56 2.12 -18.54
C38 G0P J . -34.31 1.30 -18.65
O39 G0P J . -34.62 -0.04 -18.95
C40 G0P J . -35.21 3.59 -18.37
O41 G0P J . -34.31 3.83 -17.29
C42 G0P J . -36.46 4.38 -18.09
O43 G0P J . -36.07 5.66 -17.71
C44 G0P J . -37.23 3.73 -16.97
O45 G0P J . -38.44 4.43 -16.78
H121 G0P J . -41.29 -9.12 -18.66
H122 G0P J . -41.51 -9.93 -17.28
H132 G0P J . -38.99 -8.99 -18.27
H131 G0P J . -39.36 -10.51 -17.91
H141 G0P J . -38.25 -9.07 -16.11
H142 G0P J . -39.45 -10.06 -15.68
H151 G0P J . -39.56 -7.28 -15.90
H152 G0P J . -40.57 -8.22 -15.09
H191 G0P J . -41.24 -5.83 -15.70
H201 G0P J . -43.08 -5.10 -14.83
H202 G0P J . -43.69 -6.28 -15.70
H211 G0P J . -43.83 -4.19 -17.32
H212 G0P J . -44.23 -3.59 -15.90
H222 G0P J . -45.58 -5.96 -16.37
H221 G0P J . -45.91 -4.89 -17.51
H231 G0P J . -46.19 -4.20 -14.78
H232 G0P J . -46.84 -3.43 -16.03
H242 G0P J . -47.81 -5.74 -16.21
H241 G0P J . -48.53 -4.58 -15.60
H251 G0P J . -41.43 -4.25 -17.93
H291 G0P J . -39.76 -1.97 -18.53
H301 G0P J . -38.73 0.15 -18.53
H321 G0P J . -39.11 0.40 -14.38
H331 G0P J . -40.18 -1.82 -14.38
H351 G0P J . -38.03 2.23 -18.13
H371 G0P J . -36.09 2.02 -19.36
H381 G0P J . -33.82 1.34 -17.79
H382 G0P J . -33.74 1.68 -19.35
H391 G0P J . -33.94 -0.41 -19.38
H401 G0P J . -34.79 3.90 -19.19
H411 G0P J . -33.75 4.49 -17.51
H421 G0P J . -37.00 4.42 -18.89
H431 G0P J . -36.66 6.24 -18.00
H441 G0P J . -36.70 3.78 -16.15
H451 G0P J . -38.91 4.43 -17.53
CA CA K . 35.83 7.17 -11.55
C12 G0P L . 42.06 17.59 0.18
C13 G0P L . 40.57 17.84 0.33
C14 G0P L . 40.13 16.56 1.00
C15 G0P L . 41.06 15.52 0.34
N16 G0P L . 42.12 16.25 -0.32
C17 G0P L . 43.08 15.71 -1.32
O18 G0P L . 43.93 16.43 -1.80
C19 G0P L . 42.98 14.25 -1.70
C20 G0P L . 44.29 13.53 -1.31
C21 G0P L . 45.34 13.39 -2.42
C22 G0P L . 46.76 13.81 -1.91
C23 G0P L . 47.69 12.61 -1.76
N24 G0P L . 48.82 12.95 -0.95
N25 G0P L . 42.59 13.98 -3.06
C26 G0P L . 41.94 12.72 -3.26
O27 G0P L . 41.80 12.03 -2.27
C28 G0P L . 41.38 12.09 -4.56
C29 G0P L . 41.10 12.75 -5.91
C30 G0P L . 40.57 12.00 -6.95
C31 G0P L . 40.26 10.53 -6.70
C32 G0P L . 40.51 9.96 -5.51
C33 G0P L . 41.07 10.79 -4.39
O34 G0P L . 39.71 9.61 -7.66
C35 G0P L . 39.12 10.15 -8.81
O36 G0P L . 37.89 10.73 -8.49
C37 G0P L . 37.30 11.30 -9.65
C38 G0P L . 36.04 11.97 -9.18
O39 G0P L . 36.33 13.07 -8.34
C40 G0P L . 36.99 10.28 -10.73
O41 G0P L . 36.03 9.34 -10.31
C42 G0P L . 38.26 9.49 -11.02
O43 G0P L . 37.92 8.40 -11.83
C44 G0P L . 38.88 8.99 -9.74
O45 G0P L . 40.09 8.36 -10.05
H121 G0P L . 42.46 18.23 -0.46
H122 G0P L . 42.51 17.66 1.06
H132 G0P L . 40.15 17.95 -0.55
H131 G0P L . 40.40 18.63 0.90
H141 G0P L . 39.19 16.37 0.79
H142 G0P L . 40.29 16.60 1.96
H151 G0P L . 40.55 15.00 -0.31
H152 G0P L . 41.44 14.93 1.03
H191 G0P L . 42.28 13.86 -1.14
H201 G0P L . 44.06 12.64 -0.98
H202 G0P L . 44.69 14.03 -0.57
H211 G0P L . 45.09 13.96 -3.17
H212 G0P L . 45.37 12.47 -2.72
H222 G0P L . 46.67 14.25 -1.04
H221 G0P L . 47.15 14.44 -2.55
H231 G0P L . 47.19 11.87 -1.34
H232 G0P L . 47.99 12.32 -2.65
H242 G0P L . 48.87 13.87 -0.89
H241 G0P L . 49.58 12.62 -1.33
H251 G0P L . 42.73 14.57 -3.74
H291 G0P L . 41.31 13.70 -6.03
H301 G0P L . 40.40 12.41 -7.80
H321 G0P L . 40.29 9.02 -5.37
H331 G0P L . 41.24 10.36 -3.52
H351 G0P L . 39.71 10.80 -9.23
H371 G0P L . 37.90 11.98 -10.01
H381 G0P L . 35.48 11.32 -8.68
H382 G0P L . 35.53 12.29 -9.96
H391 G0P L . 35.65 13.64 -8.35
H401 G0P L . 36.69 10.73 -11.55
H411 G0P L . 35.55 9.09 -11.01
H421 G0P L . 38.89 10.06 -11.49
H431 G0P L . 38.66 8.03 -12.13
H441 G0P L . 38.27 8.35 -9.31
H451 G0P L . 40.64 8.94 -10.42
#